data_1VBK
#
_entry.id   1VBK
#
_cell.length_a   71.743
_cell.length_b   71.164
_cell.length_c   141.774
_cell.angle_alpha   90.00
_cell.angle_beta   90.00
_cell.angle_gamma   90.00
#
_symmetry.space_group_name_H-M   'P 21 21 21'
#
loop_
_entity.id
_entity.type
_entity.pdbx_description
1 polymer 'hypothetical protein PH1313'
2 non-polymer (4R)-2-METHYLPENTANE-2,4-DIOL
3 water water
#
_entity_poly.entity_id   1
_entity_poly.type   'polypeptide(L)'
_entity_poly.pdbx_seq_one_letter_code
;MNVVIVRYGEIGTKSRQTRSWFEKILMNNIREALVTEEVPYKEIFSRHGRIIVKTNSPKEAANVLVRVFGIVSISPAMEV
EASLEKINRTALLMFRKKAKEVGKERPKFRVTARRITKEFPLDSLEIQAKVGEYILNNENCEVDLKNYDIEIGIEIMQGK
AYIYTEKIKGWGGLPIGTEGRMIGILHDELSALAIFLMMKRGVEVIPVYIGKDDKNLEKVRSLWNLLKRYSYGSKGFLVV
AESFDRVLKLIRDFGVKGVIKGLRPNDLNSEVSEITEDFKMFPVPVYYPLIALPEEYIKSVKERLGL
;
_entity_poly.pdbx_strand_id   A,B
#
loop_
_chem_comp.id
_chem_comp.type
_chem_comp.name
_chem_comp.formula
MRD non-polymer (4R)-2-METHYLPENTANE-2,4-DIOL 'C6 H14 O2'
#
# COMPACT_ATOMS: atom_id res chain seq x y z
N MET A 1 37.80 -14.39 -14.92
CA MET A 1 36.94 -13.21 -14.61
C MET A 1 36.75 -13.08 -13.10
N ASN A 2 36.32 -11.89 -12.65
CA ASN A 2 36.13 -11.66 -11.23
C ASN A 2 34.94 -10.80 -10.83
N VAL A 3 34.11 -10.39 -11.80
CA VAL A 3 32.92 -9.60 -11.46
C VAL A 3 31.79 -9.86 -12.46
N VAL A 4 30.63 -9.30 -12.14
CA VAL A 4 29.48 -9.38 -13.02
C VAL A 4 28.96 -7.95 -13.12
N ILE A 5 28.83 -7.43 -14.34
CA ILE A 5 28.32 -6.09 -14.57
C ILE A 5 26.82 -6.23 -14.77
N VAL A 6 26.05 -5.48 -13.97
CA VAL A 6 24.60 -5.51 -14.08
C VAL A 6 24.15 -4.14 -14.58
N ARG A 7 23.48 -4.13 -15.73
CA ARG A 7 23.01 -2.87 -16.31
C ARG A 7 21.50 -2.76 -16.19
N TYR A 8 21.02 -1.55 -15.96
CA TYR A 8 19.60 -1.32 -15.80
C TYR A 8 19.19 0.07 -16.26
N GLY A 9 17.89 0.34 -16.23
CA GLY A 9 17.40 1.63 -16.66
C GLY A 9 17.31 1.69 -18.17
N GLU A 10 16.22 2.23 -18.67
CA GLU A 10 16.04 2.34 -20.12
C GLU A 10 15.16 3.54 -20.48
N ILE A 11 15.57 4.27 -21.51
CA ILE A 11 14.84 5.45 -21.96
C ILE A 11 13.36 5.12 -22.16
N GLY A 12 12.50 6.07 -21.80
CA GLY A 12 11.08 5.87 -21.95
C GLY A 12 10.46 5.00 -20.87
N THR A 13 11.28 4.55 -19.92
CA THR A 13 10.76 3.73 -18.84
C THR A 13 10.42 4.61 -17.66
N LYS A 14 9.35 4.28 -16.96
CA LYS A 14 8.94 5.07 -15.80
C LYS A 14 8.94 4.24 -14.53
N SER A 15 9.57 4.79 -13.50
CA SER A 15 9.64 4.14 -12.19
C SER A 15 9.17 5.16 -11.17
N ARG A 16 8.20 4.79 -10.35
CA ARG A 16 7.71 5.72 -9.34
C ARG A 16 8.80 6.03 -8.33
N GLN A 17 9.84 5.20 -8.29
CA GLN A 17 10.94 5.40 -7.34
C GLN A 17 12.06 6.28 -7.89
N THR A 18 12.82 6.88 -6.99
CA THR A 18 13.95 7.71 -7.41
C THR A 18 15.03 6.71 -7.83
N ARG A 19 16.03 7.17 -8.57
CA ARG A 19 17.10 6.29 -8.99
C ARG A 19 17.75 5.58 -7.80
N SER A 20 18.01 6.34 -6.74
CA SER A 20 18.65 5.77 -5.55
C SER A 20 17.90 4.60 -4.92
N TRP A 21 16.58 4.73 -4.77
CA TRP A 21 15.80 3.64 -4.19
C TRP A 21 15.68 2.48 -5.18
N PHE A 22 15.60 2.82 -6.46
CA PHE A 22 15.51 1.81 -7.51
C PHE A 22 16.74 0.90 -7.38
N GLU A 23 17.92 1.52 -7.24
CA GLU A 23 19.16 0.77 -7.13
C GLU A 23 19.28 -0.04 -5.84
N LYS A 24 18.85 0.53 -4.71
CA LYS A 24 18.92 -0.19 -3.44
C LYS A 24 18.03 -1.42 -3.44
N ILE A 25 16.84 -1.28 -4.01
CA ILE A 25 15.88 -2.38 -4.07
C ILE A 25 16.40 -3.47 -5.03
N LEU A 26 16.99 -3.05 -6.14
CA LEU A 26 17.55 -4.01 -7.09
C LEU A 26 18.73 -4.78 -6.48
N MET A 27 19.60 -4.07 -5.74
CA MET A 27 20.73 -4.76 -5.11
C MET A 27 20.23 -5.73 -4.06
N ASN A 28 19.13 -5.38 -3.39
CA ASN A 28 18.54 -6.23 -2.37
C ASN A 28 18.09 -7.54 -3.01
N ASN A 29 17.39 -7.42 -4.14
CA ASN A 29 16.89 -8.59 -4.85
C ASN A 29 18.03 -9.45 -5.41
N ILE A 30 19.11 -8.79 -5.83
CA ILE A 30 20.27 -9.50 -6.35
C ILE A 30 20.92 -10.31 -5.23
N ARG A 31 21.04 -9.70 -4.05
CA ARG A 31 21.62 -10.39 -2.91
C ARG A 31 20.78 -11.62 -2.55
N GLU A 32 19.46 -11.42 -2.48
CA GLU A 32 18.54 -12.50 -2.15
C GLU A 32 18.66 -13.66 -3.14
N ALA A 33 18.79 -13.33 -4.43
CA ALA A 33 18.91 -14.35 -5.46
C ALA A 33 20.19 -15.18 -5.32
N LEU A 34 21.32 -14.50 -5.15
CA LEU A 34 22.60 -15.19 -5.03
C LEU A 34 22.67 -16.03 -3.75
N VAL A 35 22.16 -15.49 -2.64
CA VAL A 35 22.18 -16.21 -1.38
C VAL A 35 21.28 -17.44 -1.47
N THR A 36 20.09 -17.27 -2.05
CA THR A 36 19.15 -18.36 -2.19
C THR A 36 19.74 -19.50 -3.04
N GLU A 37 20.44 -19.14 -4.11
CA GLU A 37 21.04 -20.13 -4.99
C GLU A 37 22.45 -20.54 -4.54
N GLU A 38 22.85 -20.03 -3.37
CA GLU A 38 24.16 -20.33 -2.81
C GLU A 38 25.33 -19.99 -3.75
N VAL A 39 25.25 -18.82 -4.38
CA VAL A 39 26.32 -18.38 -5.27
C VAL A 39 27.19 -17.44 -4.44
N PRO A 40 28.47 -17.78 -4.25
CA PRO A 40 29.39 -16.95 -3.47
C PRO A 40 29.66 -15.62 -4.16
N TYR A 41 29.87 -14.58 -3.36
CA TYR A 41 30.18 -13.24 -3.88
C TYR A 41 30.81 -12.44 -2.75
N LYS A 42 31.72 -11.54 -3.10
CA LYS A 42 32.43 -10.72 -2.12
C LYS A 42 31.71 -9.41 -1.80
N GLU A 43 31.25 -8.72 -2.83
CA GLU A 43 30.57 -7.44 -2.67
C GLU A 43 29.55 -7.19 -3.76
N ILE A 44 28.61 -6.29 -3.45
CA ILE A 44 27.59 -5.85 -4.39
C ILE A 44 27.46 -4.35 -4.14
N PHE A 45 27.63 -3.55 -5.18
CA PHE A 45 27.52 -2.11 -5.03
C PHE A 45 27.07 -1.45 -6.33
N SER A 46 26.52 -0.25 -6.20
CA SER A 46 26.03 0.52 -7.35
C SER A 46 26.85 1.80 -7.51
N ARG A 47 27.44 1.98 -8.68
CA ARG A 47 28.21 3.20 -8.93
C ARG A 47 28.08 3.65 -10.38
N HIS A 48 27.79 4.93 -10.55
CA HIS A 48 27.65 5.55 -11.85
C HIS A 48 26.69 4.84 -12.81
N GLY A 49 25.52 4.46 -12.28
CA GLY A 49 24.51 3.82 -13.10
C GLY A 49 24.68 2.34 -13.38
N ARG A 50 25.66 1.73 -12.75
CA ARG A 50 25.94 0.31 -12.93
C ARG A 50 26.00 -0.38 -11.57
N ILE A 51 25.68 -1.66 -11.56
CA ILE A 51 25.79 -2.44 -10.33
C ILE A 51 26.90 -3.45 -10.64
N ILE A 52 27.83 -3.58 -9.70
CA ILE A 52 28.94 -4.50 -9.86
C ILE A 52 28.84 -5.54 -8.77
N VAL A 53 28.93 -6.80 -9.16
CA VAL A 53 28.92 -7.90 -8.20
C VAL A 53 30.31 -8.50 -8.22
N LYS A 54 31.10 -8.30 -7.17
CA LYS A 54 32.43 -8.89 -7.12
C LYS A 54 32.26 -10.34 -6.68
N THR A 55 32.67 -11.27 -7.54
CA THR A 55 32.54 -12.69 -7.25
C THR A 55 33.47 -13.57 -8.08
N ASN A 56 33.93 -14.68 -7.50
CA ASN A 56 34.79 -15.60 -8.22
C ASN A 56 33.97 -16.66 -8.95
N SER A 57 32.66 -16.51 -8.91
CA SER A 57 31.73 -17.41 -9.61
C SER A 57 30.84 -16.54 -10.49
N PRO A 58 31.45 -15.71 -11.37
CA PRO A 58 30.71 -14.81 -12.25
C PRO A 58 29.74 -15.45 -13.23
N LYS A 59 30.14 -16.56 -13.84
CA LYS A 59 29.27 -17.24 -14.80
C LYS A 59 28.02 -17.75 -14.08
N GLU A 60 28.21 -18.33 -12.90
CA GLU A 60 27.10 -18.86 -12.12
C GLU A 60 26.18 -17.74 -11.63
N ALA A 61 26.78 -16.63 -11.20
CA ALA A 61 26.01 -15.50 -10.72
C ALA A 61 25.18 -14.92 -11.86
N ALA A 62 25.83 -14.73 -13.01
CA ALA A 62 25.14 -14.18 -14.17
C ALA A 62 23.91 -14.99 -14.57
N ASN A 63 24.04 -16.31 -14.54
CA ASN A 63 22.93 -17.18 -14.92
C ASN A 63 21.74 -17.08 -13.96
N VAL A 64 22.01 -16.76 -12.70
CA VAL A 64 20.94 -16.61 -11.71
C VAL A 64 20.29 -15.23 -11.90
N LEU A 65 21.13 -14.21 -12.04
CA LEU A 65 20.66 -12.84 -12.19
C LEU A 65 19.77 -12.60 -13.42
N VAL A 66 19.81 -13.51 -14.37
CA VAL A 66 18.96 -13.38 -15.55
C VAL A 66 17.50 -13.38 -15.10
N ARG A 67 17.22 -14.02 -13.96
CA ARG A 67 15.85 -14.10 -13.46
C ARG A 67 15.42 -12.97 -12.53
N VAL A 68 16.25 -11.94 -12.42
CA VAL A 68 15.95 -10.79 -11.57
C VAL A 68 15.40 -9.62 -12.40
N PHE A 69 14.12 -9.30 -12.20
CA PHE A 69 13.49 -8.22 -12.95
C PHE A 69 14.14 -6.86 -12.69
N GLY A 70 14.14 -6.02 -13.72
CA GLY A 70 14.73 -4.70 -13.59
C GLY A 70 16.12 -4.65 -14.22
N ILE A 71 16.65 -5.82 -14.53
CA ILE A 71 17.98 -5.93 -15.15
C ILE A 71 17.83 -5.98 -16.66
N VAL A 72 18.53 -5.08 -17.35
CA VAL A 72 18.49 -5.03 -18.81
C VAL A 72 19.50 -6.01 -19.40
N SER A 73 20.72 -6.02 -18.86
CA SER A 73 21.74 -6.96 -19.35
C SER A 73 22.77 -7.27 -18.29
N ILE A 74 23.41 -8.43 -18.44
CA ILE A 74 24.40 -8.93 -17.51
C ILE A 74 25.69 -9.33 -18.23
N SER A 75 26.84 -8.93 -17.69
CA SER A 75 28.12 -9.29 -18.30
C SER A 75 29.20 -9.79 -17.33
N PRO A 76 29.52 -11.08 -17.37
CA PRO A 76 30.57 -11.59 -16.48
C PRO A 76 31.78 -10.84 -17.03
N ALA A 77 32.70 -10.40 -16.19
CA ALA A 77 33.83 -9.65 -16.70
C ALA A 77 35.08 -9.72 -15.84
N MET A 78 36.19 -9.27 -16.42
CA MET A 78 37.47 -9.23 -15.71
C MET A 78 37.74 -7.77 -15.38
N GLU A 79 38.01 -7.51 -14.10
CA GLU A 79 38.30 -6.16 -13.65
C GLU A 79 39.82 -6.00 -13.56
N VAL A 80 40.34 -4.92 -14.12
CA VAL A 80 41.78 -4.66 -14.08
C VAL A 80 42.03 -3.15 -13.98
N GLU A 81 43.25 -2.79 -13.60
CA GLU A 81 43.63 -1.38 -13.50
C GLU A 81 43.45 -0.80 -14.90
N ALA A 82 42.90 0.40 -14.98
CA ALA A 82 42.66 1.03 -16.28
C ALA A 82 43.89 1.68 -16.91
N SER A 83 44.73 0.87 -17.54
CA SER A 83 45.92 1.34 -18.24
C SER A 83 45.78 0.71 -19.62
N LEU A 84 46.23 1.40 -20.66
CA LEU A 84 46.11 0.84 -22.01
C LEU A 84 46.76 -0.53 -22.10
N GLU A 85 47.94 -0.67 -21.51
CA GLU A 85 48.66 -1.94 -21.51
C GLU A 85 47.82 -3.09 -20.95
N LYS A 86 47.24 -2.88 -19.77
CA LYS A 86 46.42 -3.90 -19.13
C LYS A 86 45.12 -4.16 -19.89
N ILE A 87 44.51 -3.10 -20.40
CA ILE A 87 43.27 -3.24 -21.16
C ILE A 87 43.56 -4.07 -22.43
N ASN A 88 44.66 -3.77 -23.12
CA ASN A 88 45.01 -4.53 -24.33
C ASN A 88 45.26 -6.00 -24.07
N ARG A 89 46.08 -6.31 -23.06
CA ARG A 89 46.38 -7.71 -22.82
C ARG A 89 45.17 -8.49 -22.31
N THR A 90 44.33 -7.87 -21.48
CA THR A 90 43.15 -8.58 -20.99
C THR A 90 42.16 -8.77 -22.13
N ALA A 91 42.03 -7.76 -22.98
CA ALA A 91 41.12 -7.84 -24.11
C ALA A 91 41.53 -9.00 -25.04
N LEU A 92 42.84 -9.12 -25.31
CA LEU A 92 43.34 -10.19 -26.17
C LEU A 92 43.13 -11.56 -25.52
N LEU A 93 43.36 -11.62 -24.21
CA LEU A 93 43.20 -12.87 -23.46
C LEU A 93 41.75 -13.36 -23.57
N MET A 94 40.81 -12.46 -23.36
CA MET A 94 39.40 -12.82 -23.43
C MET A 94 38.96 -13.09 -24.86
N PHE A 95 39.55 -12.39 -25.81
CA PHE A 95 39.21 -12.59 -27.21
C PHE A 95 39.60 -14.00 -27.61
N ARG A 96 40.80 -14.41 -27.20
CA ARG A 96 41.29 -15.75 -27.53
C ARG A 96 40.43 -16.84 -26.91
N LYS A 97 39.99 -16.62 -25.68
CA LYS A 97 39.14 -17.60 -25.03
C LYS A 97 37.84 -17.76 -25.82
N LYS A 98 37.24 -16.64 -26.19
CA LYS A 98 36.00 -16.68 -26.94
C LYS A 98 36.22 -17.25 -28.35
N ALA A 99 37.32 -16.85 -28.99
CA ALA A 99 37.61 -17.33 -30.33
C ALA A 99 37.73 -18.85 -30.35
N LYS A 100 38.31 -19.41 -29.31
CA LYS A 100 38.45 -20.87 -29.24
C LYS A 100 37.07 -21.51 -29.22
N GLU A 101 36.15 -20.90 -28.48
CA GLU A 101 34.79 -21.42 -28.39
C GLU A 101 34.05 -21.23 -29.72
N VAL A 102 34.28 -20.10 -30.39
CA VAL A 102 33.64 -19.84 -31.67
C VAL A 102 34.11 -20.87 -32.69
N GLY A 103 35.41 -21.16 -32.68
CA GLY A 103 35.97 -22.18 -33.56
C GLY A 103 36.14 -21.86 -35.03
N LYS A 104 36.40 -20.60 -35.35
CA LYS A 104 36.59 -20.21 -36.75
C LYS A 104 38.03 -19.77 -36.96
N GLU A 105 38.53 -19.92 -38.19
CA GLU A 105 39.89 -19.52 -38.51
C GLU A 105 40.03 -18.00 -38.42
N ARG A 106 39.02 -17.30 -38.94
CA ARG A 106 39.05 -15.85 -38.98
C ARG A 106 37.72 -15.25 -38.54
N PRO A 107 37.49 -15.21 -37.22
CA PRO A 107 36.25 -14.67 -36.67
C PRO A 107 36.09 -13.16 -36.92
N LYS A 108 34.85 -12.72 -37.04
CA LYS A 108 34.55 -11.31 -37.23
C LYS A 108 34.34 -10.73 -35.83
N PHE A 109 34.83 -9.52 -35.57
CA PHE A 109 34.68 -8.92 -34.26
C PHE A 109 34.59 -7.40 -34.27
N ARG A 110 34.27 -6.84 -33.10
CA ARG A 110 34.21 -5.40 -32.92
C ARG A 110 34.55 -5.15 -31.45
N VAL A 111 34.92 -3.92 -31.15
CA VAL A 111 35.23 -3.54 -29.78
C VAL A 111 34.22 -2.46 -29.43
N THR A 112 33.66 -2.55 -28.23
CA THR A 112 32.68 -1.59 -27.78
C THR A 112 33.20 -1.06 -26.45
N ALA A 113 33.50 0.24 -26.41
CA ALA A 113 34.03 0.84 -25.20
C ALA A 113 33.17 1.98 -24.70
N ARG A 114 33.14 2.12 -23.37
CA ARG A 114 32.37 3.18 -22.73
C ARG A 114 33.16 3.74 -21.55
N ARG A 115 33.31 5.05 -21.50
CA ARG A 115 33.98 5.68 -20.37
C ARG A 115 32.87 6.09 -19.43
N ILE A 116 32.58 5.26 -18.43
CA ILE A 116 31.53 5.62 -17.52
C ILE A 116 31.93 6.88 -16.79
N THR A 117 33.16 6.91 -16.28
CA THR A 117 33.69 8.13 -15.68
C THR A 117 34.69 8.60 -16.74
N LYS A 118 35.03 9.89 -16.75
CA LYS A 118 35.91 10.42 -17.80
C LYS A 118 37.38 10.69 -17.51
N GLU A 119 37.99 9.97 -16.56
CA GLU A 119 39.40 10.25 -16.28
C GLU A 119 40.39 9.59 -17.25
N PHE A 120 40.00 8.49 -17.90
CA PHE A 120 40.90 7.83 -18.84
C PHE A 120 41.19 8.80 -19.99
N PRO A 121 42.46 8.91 -20.40
CA PRO A 121 42.93 9.80 -21.47
C PRO A 121 42.34 9.61 -22.87
N LEU A 122 41.97 8.38 -23.23
CA LEU A 122 41.44 8.12 -24.56
C LEU A 122 39.92 8.01 -24.54
N ASP A 123 39.24 8.55 -25.55
CA ASP A 123 37.79 8.46 -25.56
C ASP A 123 37.38 7.08 -26.07
N SER A 124 36.10 6.76 -25.93
CA SER A 124 35.59 5.45 -26.33
C SER A 124 36.02 4.98 -27.72
N LEU A 125 35.91 5.86 -28.71
CA LEU A 125 36.28 5.47 -30.07
C LEU A 125 37.79 5.26 -30.21
N GLU A 126 38.59 6.00 -29.44
CA GLU A 126 40.03 5.84 -29.48
C GLU A 126 40.38 4.49 -28.86
N ILE A 127 39.70 4.14 -27.77
CA ILE A 127 39.93 2.87 -27.10
C ILE A 127 39.59 1.73 -28.06
N GLN A 128 38.44 1.83 -28.70
CA GLN A 128 38.00 0.80 -29.64
C GLN A 128 39.02 0.61 -30.77
N ALA A 129 39.52 1.71 -31.31
CA ALA A 129 40.50 1.64 -32.40
C ALA A 129 41.82 1.01 -31.97
N LYS A 130 42.33 1.44 -30.82
CA LYS A 130 43.60 0.93 -30.31
C LYS A 130 43.53 -0.54 -29.91
N VAL A 131 42.46 -0.92 -29.23
CA VAL A 131 42.30 -2.32 -28.80
C VAL A 131 42.07 -3.20 -30.03
N GLY A 132 41.31 -2.71 -30.99
CA GLY A 132 41.06 -3.48 -32.19
C GLY A 132 42.35 -3.69 -32.97
N GLU A 133 43.21 -2.69 -32.99
CA GLU A 133 44.49 -2.78 -33.70
C GLU A 133 45.39 -3.80 -33.01
N TYR A 134 45.31 -3.86 -31.68
CA TYR A 134 46.11 -4.80 -30.90
C TYR A 134 45.69 -6.22 -31.23
N ILE A 135 44.38 -6.46 -31.25
CA ILE A 135 43.86 -7.79 -31.56
C ILE A 135 44.19 -8.18 -33.01
N LEU A 136 44.01 -7.25 -33.94
CA LEU A 136 44.31 -7.51 -35.35
C LEU A 136 45.77 -7.86 -35.61
N ASN A 137 46.67 -7.34 -34.77
CA ASN A 137 48.11 -7.60 -34.89
C ASN A 137 48.53 -8.91 -34.25
N ASN A 138 47.64 -9.53 -33.50
CA ASN A 138 47.98 -10.78 -32.81
C ASN A 138 47.08 -11.98 -33.12
N GLU A 139 46.07 -11.77 -33.94
CA GLU A 139 45.14 -12.85 -34.28
C GLU A 139 44.62 -12.71 -35.69
N ASN A 140 44.30 -13.85 -36.30
CA ASN A 140 43.72 -13.82 -37.64
C ASN A 140 42.25 -13.53 -37.38
N CYS A 141 41.81 -12.34 -37.77
CA CYS A 141 40.43 -11.96 -37.55
C CYS A 141 40.10 -10.78 -38.45
N GLU A 142 38.88 -10.28 -38.32
CA GLU A 142 38.43 -9.19 -39.16
C GLU A 142 37.38 -8.34 -38.47
N VAL A 143 37.50 -7.03 -38.59
CA VAL A 143 36.54 -6.14 -37.97
C VAL A 143 35.25 -6.10 -38.79
N ASP A 144 34.11 -6.23 -38.10
CA ASP A 144 32.81 -6.15 -38.73
C ASP A 144 31.87 -5.61 -37.66
N LEU A 145 31.42 -4.38 -37.85
CA LEU A 145 30.54 -3.72 -36.88
C LEU A 145 29.09 -4.18 -36.94
N LYS A 146 28.68 -4.78 -38.05
CA LYS A 146 27.30 -5.23 -38.19
C LYS A 146 27.11 -6.69 -37.77
N ASN A 147 27.87 -7.60 -38.37
CA ASN A 147 27.78 -9.00 -38.03
C ASN A 147 29.11 -9.46 -37.48
N TYR A 148 29.13 -9.82 -36.20
CA TYR A 148 30.36 -10.26 -35.57
C TYR A 148 30.16 -11.49 -34.71
N ASP A 149 31.18 -12.34 -34.68
CA ASP A 149 31.15 -13.56 -33.87
C ASP A 149 31.56 -13.21 -32.44
N ILE A 150 32.36 -12.16 -32.31
CA ILE A 150 32.88 -11.74 -31.01
C ILE A 150 32.80 -10.25 -30.77
N GLU A 151 32.37 -9.87 -29.57
CA GLU A 151 32.34 -8.47 -29.21
C GLU A 151 33.16 -8.29 -27.94
N ILE A 152 34.19 -7.46 -28.01
CA ILE A 152 35.02 -7.19 -26.84
C ILE A 152 34.43 -5.92 -26.24
N GLY A 153 33.84 -6.04 -25.06
CA GLY A 153 33.26 -4.88 -24.39
C GLY A 153 34.21 -4.35 -23.34
N ILE A 154 34.27 -3.03 -23.21
CA ILE A 154 35.15 -2.41 -22.23
C ILE A 154 34.47 -1.24 -21.55
N GLU A 155 34.34 -1.32 -20.22
CA GLU A 155 33.72 -0.25 -19.46
C GLU A 155 34.75 0.27 -18.47
N ILE A 156 35.01 1.57 -18.50
CA ILE A 156 35.99 2.16 -17.59
C ILE A 156 35.27 3.03 -16.57
N MET A 157 35.58 2.80 -15.30
CA MET A 157 34.93 3.52 -14.23
C MET A 157 35.86 3.67 -13.04
N GLN A 158 36.11 4.91 -12.64
CA GLN A 158 36.97 5.21 -11.51
C GLN A 158 38.29 4.43 -11.47
N GLY A 159 39.08 4.56 -12.54
CA GLY A 159 40.37 3.87 -12.59
C GLY A 159 40.39 2.38 -12.81
N LYS A 160 39.22 1.77 -13.00
CA LYS A 160 39.14 0.33 -13.24
C LYS A 160 38.53 0.08 -14.60
N ALA A 161 39.01 -0.96 -15.28
CA ALA A 161 38.47 -1.33 -16.59
C ALA A 161 37.80 -2.69 -16.42
N TYR A 162 36.58 -2.82 -16.96
CA TYR A 162 35.83 -4.07 -16.88
C TYR A 162 35.72 -4.58 -18.31
N ILE A 163 36.38 -5.72 -18.56
CA ILE A 163 36.42 -6.28 -19.90
C ILE A 163 35.60 -7.56 -20.01
N TYR A 164 34.75 -7.63 -21.04
CA TYR A 164 33.88 -8.78 -21.22
C TYR A 164 33.67 -9.19 -22.68
N THR A 165 33.22 -10.41 -22.89
CA THR A 165 32.91 -10.90 -24.23
C THR A 165 31.45 -11.37 -24.27
N GLU A 166 30.84 -11.49 -23.10
CA GLU A 166 29.44 -11.94 -23.00
C GLU A 166 28.51 -10.86 -22.46
N LYS A 167 27.35 -10.74 -23.09
CA LYS A 167 26.34 -9.76 -22.71
C LYS A 167 25.00 -10.47 -22.76
N ILE A 168 24.56 -10.95 -21.60
CA ILE A 168 23.30 -11.69 -21.48
C ILE A 168 22.11 -10.77 -21.29
N LYS A 169 21.09 -10.97 -22.11
CA LYS A 169 19.88 -10.16 -22.05
C LYS A 169 19.05 -10.52 -20.82
N GLY A 170 18.70 -9.51 -20.03
CA GLY A 170 17.89 -9.75 -18.85
C GLY A 170 16.43 -9.69 -19.24
N TRP A 171 15.53 -9.73 -18.27
CA TRP A 171 14.11 -9.68 -18.58
C TRP A 171 13.57 -8.26 -18.67
N GLY A 172 14.39 -7.29 -18.28
CA GLY A 172 13.93 -5.93 -18.30
C GLY A 172 12.91 -5.77 -17.20
N GLY A 173 11.91 -4.93 -17.41
CA GLY A 173 10.90 -4.74 -16.39
C GLY A 173 11.40 -3.84 -15.26
N LEU A 174 10.82 -4.00 -14.07
CA LEU A 174 11.21 -3.18 -12.92
C LEU A 174 11.49 -4.08 -11.72
N PRO A 175 12.41 -3.65 -10.84
CA PRO A 175 12.75 -4.47 -9.67
C PRO A 175 11.54 -4.77 -8.79
N ILE A 176 11.42 -6.02 -8.34
CA ILE A 176 10.31 -6.41 -7.49
C ILE A 176 10.34 -5.55 -6.22
N GLY A 177 9.22 -4.91 -5.92
CA GLY A 177 9.16 -4.07 -4.74
C GLY A 177 9.14 -2.57 -5.02
N THR A 178 9.58 -2.17 -6.21
CA THR A 178 9.60 -0.75 -6.56
C THR A 178 8.22 -0.22 -6.91
N GLU A 179 7.28 -1.11 -7.21
CA GLU A 179 5.94 -0.65 -7.57
C GLU A 179 4.83 -1.14 -6.63
N GLY A 180 5.15 -1.37 -5.36
CA GLY A 180 4.14 -1.79 -4.41
C GLY A 180 3.93 -3.27 -4.23
N ARG A 181 2.92 -3.60 -3.43
CA ARG A 181 2.59 -4.99 -3.12
C ARG A 181 1.13 -5.32 -3.41
N MET A 182 0.90 -6.48 -4.02
CA MET A 182 -0.43 -6.95 -4.35
C MET A 182 -0.54 -8.43 -4.05
N ILE A 183 -1.76 -8.94 -3.98
CA ILE A 183 -1.94 -10.37 -3.77
C ILE A 183 -2.29 -10.88 -5.15
N GLY A 184 -1.91 -12.12 -5.44
CA GLY A 184 -2.20 -12.70 -6.73
C GLY A 184 -3.01 -13.95 -6.50
N ILE A 185 -4.21 -14.00 -7.06
CA ILE A 185 -5.05 -15.19 -6.88
C ILE A 185 -4.54 -16.24 -7.85
N LEU A 186 -3.89 -17.26 -7.30
CA LEU A 186 -3.29 -18.34 -8.07
C LEU A 186 -4.12 -19.62 -8.06
N HIS A 187 -4.49 -20.12 -9.24
CA HIS A 187 -5.29 -21.34 -9.33
C HIS A 187 -5.01 -22.17 -10.58
N ASP A 188 -4.31 -21.59 -11.55
CA ASP A 188 -3.98 -22.31 -12.79
C ASP A 188 -2.80 -21.67 -13.50
N GLU A 189 -2.44 -22.22 -14.67
CA GLU A 189 -1.32 -21.70 -15.44
C GLU A 189 -1.51 -20.26 -15.88
N LEU A 190 -2.74 -19.91 -16.27
CA LEU A 190 -3.04 -18.55 -16.72
C LEU A 190 -2.87 -17.53 -15.61
N SER A 191 -3.35 -17.85 -14.41
CA SER A 191 -3.22 -16.92 -13.29
C SER A 191 -1.75 -16.84 -12.88
N ALA A 192 -0.99 -17.91 -13.12
CA ALA A 192 0.42 -17.92 -12.79
C ALA A 192 1.17 -16.97 -13.71
N LEU A 193 0.78 -16.96 -14.98
CA LEU A 193 1.39 -16.07 -15.98
C LEU A 193 1.02 -14.63 -15.66
N ALA A 194 -0.20 -14.44 -15.17
CA ALA A 194 -0.68 -13.12 -14.81
C ALA A 194 0.22 -12.56 -13.70
N ILE A 195 0.53 -13.42 -12.73
CA ILE A 195 1.39 -13.03 -11.61
C ILE A 195 2.80 -12.73 -12.10
N PHE A 196 3.31 -13.58 -12.99
CA PHE A 196 4.64 -13.38 -13.54
C PHE A 196 4.74 -12.01 -14.22
N LEU A 197 3.74 -11.66 -15.02
CA LEU A 197 3.72 -10.38 -15.72
C LEU A 197 3.71 -9.17 -14.78
N MET A 198 3.03 -9.30 -13.65
CA MET A 198 2.97 -8.20 -12.70
C MET A 198 4.27 -8.06 -11.90
N MET A 199 4.91 -9.18 -11.57
CA MET A 199 6.17 -9.11 -10.86
C MET A 199 7.18 -8.39 -11.75
N LYS A 200 7.10 -8.67 -13.05
CA LYS A 200 7.99 -8.06 -14.04
C LYS A 200 7.82 -6.54 -14.06
N ARG A 201 6.63 -6.08 -13.67
CA ARG A 201 6.34 -4.65 -13.63
C ARG A 201 6.72 -4.08 -12.26
N GLY A 202 7.57 -4.81 -11.54
CA GLY A 202 8.03 -4.36 -10.23
C GLY A 202 7.12 -4.56 -9.04
N VAL A 203 6.07 -5.36 -9.21
CA VAL A 203 5.13 -5.59 -8.12
C VAL A 203 5.50 -6.80 -7.26
N GLU A 204 5.55 -6.59 -5.95
CA GLU A 204 5.83 -7.69 -5.03
C GLU A 204 4.50 -8.40 -4.90
N VAL A 205 4.46 -9.68 -5.24
CA VAL A 205 3.21 -10.42 -5.18
C VAL A 205 3.15 -11.51 -4.12
N ILE A 206 2.07 -11.51 -3.35
CA ILE A 206 1.83 -12.52 -2.35
C ILE A 206 0.85 -13.48 -3.02
N PRO A 207 1.30 -14.70 -3.35
CA PRO A 207 0.40 -15.65 -4.00
C PRO A 207 -0.63 -16.19 -3.01
N VAL A 208 -1.90 -16.23 -3.44
CA VAL A 208 -2.97 -16.72 -2.58
C VAL A 208 -3.79 -17.79 -3.26
N TYR A 209 -3.98 -18.90 -2.56
CA TYR A 209 -4.78 -20.00 -3.07
C TYR A 209 -6.08 -20.00 -2.28
N ILE A 210 -7.20 -19.80 -2.96
CA ILE A 210 -8.50 -19.80 -2.30
C ILE A 210 -9.11 -21.19 -2.48
N GLY A 211 -8.98 -22.02 -1.45
CA GLY A 211 -9.51 -23.36 -1.52
C GLY A 211 -9.14 -24.20 -0.31
N LYS A 212 -9.20 -25.51 -0.48
CA LYS A 212 -8.88 -26.43 0.61
C LYS A 212 -7.64 -27.25 0.26
N ASP A 213 -7.26 -28.15 1.16
CA ASP A 213 -6.10 -29.02 0.95
C ASP A 213 -6.50 -30.15 0.01
N ASP A 214 -6.67 -29.82 -1.27
CA ASP A 214 -7.06 -30.82 -2.27
C ASP A 214 -5.94 -31.11 -3.25
N LYS A 215 -6.28 -31.77 -4.36
CA LYS A 215 -5.31 -32.10 -5.38
C LYS A 215 -4.96 -30.90 -6.24
N ASN A 216 -5.88 -29.95 -6.36
CA ASN A 216 -5.59 -28.77 -7.16
C ASN A 216 -4.60 -27.89 -6.41
N LEU A 217 -4.53 -28.07 -5.09
CA LEU A 217 -3.60 -27.30 -4.27
C LEU A 217 -2.19 -27.80 -4.56
N GLU A 218 -2.06 -29.11 -4.69
CA GLU A 218 -0.77 -29.73 -4.99
C GLU A 218 -0.32 -29.19 -6.34
N LYS A 219 -1.29 -29.03 -7.23
CA LYS A 219 -1.03 -28.51 -8.57
C LYS A 219 -0.62 -27.04 -8.48
N VAL A 220 -1.24 -26.31 -7.56
CA VAL A 220 -0.92 -24.90 -7.38
C VAL A 220 0.46 -24.72 -6.75
N ARG A 221 0.80 -25.55 -5.77
CA ARG A 221 2.11 -25.44 -5.14
C ARG A 221 3.21 -25.63 -6.17
N SER A 222 2.98 -26.50 -7.15
CA SER A 222 3.98 -26.74 -8.17
C SER A 222 4.07 -25.53 -9.11
N LEU A 223 2.96 -24.82 -9.29
CA LEU A 223 2.93 -23.64 -10.13
C LEU A 223 3.74 -22.56 -9.41
N TRP A 224 3.53 -22.43 -8.11
CA TRP A 224 4.25 -21.43 -7.33
C TRP A 224 5.75 -21.72 -7.31
N ASN A 225 6.13 -23.00 -7.27
CA ASN A 225 7.54 -23.37 -7.24
C ASN A 225 8.28 -22.82 -8.45
N LEU A 226 7.61 -22.79 -9.60
CA LEU A 226 8.20 -22.27 -10.82
C LEU A 226 8.30 -20.74 -10.74
N LEU A 227 7.24 -20.11 -10.25
CA LEU A 227 7.20 -18.66 -10.11
C LEU A 227 8.21 -18.15 -9.09
N LYS A 228 8.47 -18.95 -8.05
CA LYS A 228 9.38 -18.55 -7.01
C LYS A 228 10.78 -18.21 -7.54
N ARG A 229 11.20 -18.88 -8.61
CA ARG A 229 12.51 -18.66 -9.21
C ARG A 229 12.63 -17.30 -9.88
N TYR A 230 11.57 -16.50 -9.80
CA TYR A 230 11.53 -15.18 -10.40
C TYR A 230 10.98 -14.17 -9.39
N SER A 231 10.95 -14.54 -8.12
CA SER A 231 10.38 -13.66 -7.10
C SER A 231 11.33 -13.13 -6.03
N TYR A 232 12.64 -13.18 -6.29
CA TYR A 232 13.61 -12.69 -5.32
C TYR A 232 13.27 -11.27 -4.88
N GLY A 233 13.20 -11.05 -3.58
CA GLY A 233 12.87 -9.74 -3.05
C GLY A 233 11.55 -9.74 -2.32
N SER A 234 10.75 -10.78 -2.52
CA SER A 234 9.46 -10.89 -1.85
C SER A 234 9.54 -12.07 -0.89
N LYS A 235 8.56 -12.20 0.00
CA LYS A 235 8.55 -13.32 0.94
C LYS A 235 8.44 -14.63 0.19
N GLY A 236 7.70 -14.60 -0.92
CA GLY A 236 7.54 -15.78 -1.75
C GLY A 236 6.92 -17.02 -1.15
N PHE A 237 5.92 -16.87 -0.30
CA PHE A 237 5.25 -18.01 0.32
C PHE A 237 3.78 -18.06 -0.10
N LEU A 238 3.33 -19.24 -0.49
CA LEU A 238 1.94 -19.42 -0.89
C LEU A 238 1.03 -19.36 0.32
N VAL A 239 0.00 -18.53 0.22
CA VAL A 239 -0.97 -18.38 1.30
C VAL A 239 -2.27 -19.08 0.92
N VAL A 240 -2.72 -19.98 1.78
CA VAL A 240 -3.96 -20.72 1.53
C VAL A 240 -5.07 -20.06 2.36
N ALA A 241 -6.11 -19.57 1.69
CA ALA A 241 -7.22 -18.93 2.39
C ALA A 241 -8.45 -19.82 2.29
N GLU A 242 -8.92 -20.29 3.43
CA GLU A 242 -10.08 -21.19 3.49
C GLU A 242 -11.39 -20.50 3.13
N SER A 243 -11.44 -19.18 3.23
CA SER A 243 -12.65 -18.42 2.91
C SER A 243 -12.28 -16.99 2.53
N PHE A 244 -13.22 -16.24 1.96
CA PHE A 244 -12.91 -14.87 1.53
C PHE A 244 -12.53 -13.92 2.67
N ASP A 245 -13.05 -14.16 3.87
CA ASP A 245 -12.72 -13.29 5.00
C ASP A 245 -11.21 -13.28 5.23
N ARG A 246 -10.57 -14.44 5.05
CA ARG A 246 -9.13 -14.54 5.23
C ARG A 246 -8.37 -13.73 4.18
N VAL A 247 -8.93 -13.61 2.99
CA VAL A 247 -8.29 -12.84 1.92
C VAL A 247 -8.32 -11.35 2.29
N LEU A 248 -9.47 -10.88 2.77
CA LEU A 248 -9.61 -9.49 3.16
C LEU A 248 -8.67 -9.20 4.32
N LYS A 249 -8.55 -10.15 5.25
CA LYS A 249 -7.66 -9.99 6.38
C LYS A 249 -6.21 -9.83 5.91
N LEU A 250 -5.83 -10.64 4.92
CA LEU A 250 -4.48 -10.59 4.36
C LEU A 250 -4.22 -9.23 3.72
N ILE A 251 -5.20 -8.74 2.96
CA ILE A 251 -5.06 -7.45 2.32
C ILE A 251 -4.84 -6.36 3.36
N ARG A 252 -5.64 -6.39 4.42
CA ARG A 252 -5.51 -5.40 5.49
C ARG A 252 -4.20 -5.53 6.26
N ASP A 253 -3.90 -6.73 6.74
CA ASP A 253 -2.67 -6.95 7.50
C ASP A 253 -1.37 -6.62 6.79
N PHE A 254 -1.28 -6.91 5.50
CA PHE A 254 -0.05 -6.65 4.77
C PHE A 254 0.00 -5.36 3.95
N GLY A 255 -1.05 -4.56 4.03
CA GLY A 255 -1.08 -3.30 3.28
C GLY A 255 -1.03 -3.49 1.78
N VAL A 256 -1.76 -4.49 1.29
CA VAL A 256 -1.84 -4.79 -0.14
C VAL A 256 -2.57 -3.66 -0.87
N LYS A 257 -2.02 -3.24 -2.00
CA LYS A 257 -2.61 -2.15 -2.78
C LYS A 257 -3.40 -2.61 -4.00
N GLY A 258 -3.35 -3.91 -4.29
CA GLY A 258 -4.06 -4.41 -5.44
C GLY A 258 -4.21 -5.92 -5.47
N VAL A 259 -5.09 -6.40 -6.33
CA VAL A 259 -5.34 -7.83 -6.48
C VAL A 259 -5.16 -8.19 -7.95
N ILE A 260 -4.48 -9.30 -8.19
CA ILE A 260 -4.21 -9.77 -9.55
C ILE A 260 -4.96 -11.07 -9.85
N LYS A 261 -5.66 -11.12 -10.98
CA LYS A 261 -6.39 -12.33 -11.37
C LYS A 261 -6.03 -12.71 -12.80
N GLY A 262 -6.14 -14.00 -13.13
CA GLY A 262 -5.78 -14.47 -14.45
C GLY A 262 -6.89 -14.44 -15.49
N LEU A 263 -7.89 -13.61 -15.24
CA LEU A 263 -9.05 -13.47 -16.13
C LEU A 263 -8.68 -13.10 -17.57
N ARG A 264 -9.34 -13.75 -18.53
CA ARG A 264 -9.13 -13.49 -19.94
C ARG A 264 -10.43 -13.01 -20.58
N PRO A 265 -10.33 -12.25 -21.68
CA PRO A 265 -11.52 -11.73 -22.37
C PRO A 265 -12.50 -12.87 -22.68
N ASN A 266 -11.93 -14.05 -22.92
CA ASN A 266 -12.70 -15.24 -23.25
C ASN A 266 -13.57 -15.75 -22.09
N ASP A 267 -13.31 -15.26 -20.88
CA ASP A 267 -14.07 -15.70 -19.71
C ASP A 267 -15.18 -14.72 -19.32
N LEU A 268 -15.27 -13.61 -20.02
CA LEU A 268 -16.27 -12.59 -19.69
C LEU A 268 -17.51 -12.58 -20.58
N ASN A 269 -18.57 -11.98 -20.06
CA ASN A 269 -19.81 -11.82 -20.83
C ASN A 269 -19.81 -10.35 -21.28
N SER A 270 -20.79 -9.95 -22.05
CA SER A 270 -20.84 -8.57 -22.54
C SER A 270 -20.91 -7.54 -21.42
N GLU A 271 -21.43 -7.95 -20.26
CA GLU A 271 -21.54 -7.03 -19.14
C GLU A 271 -20.34 -7.07 -18.20
N VAL A 272 -19.38 -7.95 -18.52
CA VAL A 272 -18.19 -8.13 -17.70
C VAL A 272 -18.58 -8.10 -16.22
N SER A 273 -19.61 -8.85 -15.90
CA SER A 273 -20.12 -8.93 -14.54
C SER A 273 -19.02 -9.32 -13.55
N GLU A 274 -18.12 -10.21 -13.96
CA GLU A 274 -17.05 -10.61 -13.07
C GLU A 274 -16.17 -9.40 -12.72
N ILE A 275 -16.01 -8.49 -13.68
CA ILE A 275 -15.20 -7.29 -13.44
C ILE A 275 -15.91 -6.34 -12.48
N THR A 276 -17.20 -6.12 -12.70
CA THR A 276 -17.98 -5.24 -11.84
C THR A 276 -18.14 -5.85 -10.45
N GLU A 277 -18.32 -7.16 -10.41
CA GLU A 277 -18.45 -7.88 -9.14
C GLU A 277 -17.13 -7.79 -8.38
N ASP A 278 -16.02 -7.99 -9.10
CA ASP A 278 -14.68 -7.91 -8.53
C ASP A 278 -14.48 -6.54 -7.90
N PHE A 279 -14.92 -5.51 -8.63
CA PHE A 279 -14.79 -4.15 -8.15
C PHE A 279 -15.48 -3.97 -6.81
N LYS A 280 -16.55 -4.72 -6.58
CA LYS A 280 -17.30 -4.59 -5.33
C LYS A 280 -16.81 -5.49 -4.19
N MET A 281 -16.29 -6.67 -4.51
CA MET A 281 -15.84 -7.57 -3.44
C MET A 281 -14.47 -7.27 -2.86
N PHE A 282 -13.65 -6.50 -3.59
CA PHE A 282 -12.32 -6.14 -3.11
C PHE A 282 -12.23 -4.65 -2.77
N PRO A 283 -11.58 -4.32 -1.64
CA PRO A 283 -11.41 -2.94 -1.18
C PRO A 283 -10.28 -2.20 -1.90
N VAL A 284 -9.58 -2.91 -2.78
CA VAL A 284 -8.50 -2.33 -3.56
C VAL A 284 -8.72 -2.72 -5.02
N PRO A 285 -8.07 -1.99 -5.95
CA PRO A 285 -8.20 -2.26 -7.39
C PRO A 285 -7.79 -3.68 -7.77
N VAL A 286 -8.48 -4.24 -8.76
CA VAL A 286 -8.19 -5.58 -9.24
C VAL A 286 -7.60 -5.41 -10.63
N TYR A 287 -6.51 -6.11 -10.91
CA TYR A 287 -5.86 -6.02 -12.22
C TYR A 287 -5.94 -7.32 -12.98
N TYR A 288 -6.08 -7.20 -14.31
CA TYR A 288 -6.18 -8.35 -15.19
C TYR A 288 -5.13 -8.21 -16.30
N PRO A 289 -3.89 -8.62 -16.01
CA PRO A 289 -2.79 -8.54 -16.98
C PRO A 289 -3.07 -9.15 -18.35
N LEU A 290 -3.74 -10.31 -18.36
CA LEU A 290 -4.03 -11.00 -19.61
C LEU A 290 -5.06 -10.29 -20.48
N ILE A 291 -5.72 -9.29 -19.92
CA ILE A 291 -6.71 -8.50 -20.66
C ILE A 291 -6.17 -7.12 -20.97
N ALA A 292 -5.47 -6.51 -20.00
CA ALA A 292 -4.93 -5.17 -20.15
C ALA A 292 -3.64 -5.07 -20.98
N LEU A 293 -2.79 -6.08 -20.91
CA LEU A 293 -1.53 -6.04 -21.66
C LEU A 293 -1.70 -6.51 -23.11
N PRO A 294 -0.93 -5.91 -24.04
CA PRO A 294 -0.97 -6.24 -25.47
C PRO A 294 -0.82 -7.74 -25.78
N GLU A 295 -1.43 -8.17 -26.88
CA GLU A 295 -1.38 -9.56 -27.29
C GLU A 295 0.01 -10.00 -27.73
N GLU A 296 0.63 -9.24 -28.62
CA GLU A 296 1.98 -9.57 -29.10
C GLU A 296 3.00 -9.62 -27.97
N TYR A 297 2.84 -8.74 -26.99
CA TYR A 297 3.74 -8.71 -25.86
C TYR A 297 3.63 -9.99 -25.05
N ILE A 298 2.40 -10.36 -24.70
CA ILE A 298 2.16 -11.56 -23.93
C ILE A 298 2.74 -12.79 -24.63
N LYS A 299 2.60 -12.84 -25.95
CA LYS A 299 3.12 -13.95 -26.73
C LYS A 299 4.64 -14.00 -26.61
N SER A 300 5.29 -12.85 -26.68
CA SER A 300 6.73 -12.79 -26.57
C SER A 300 7.19 -13.35 -25.23
N VAL A 301 6.48 -13.00 -24.16
CA VAL A 301 6.83 -13.49 -22.84
C VAL A 301 6.68 -15.00 -22.80
N LYS A 302 5.54 -15.50 -23.27
CA LYS A 302 5.29 -16.93 -23.29
C LYS A 302 6.37 -17.64 -24.10
N GLU A 303 6.74 -17.05 -25.23
CA GLU A 303 7.75 -17.62 -26.10
C GLU A 303 9.09 -17.75 -25.39
N ARG A 304 9.51 -16.69 -24.69
CA ARG A 304 10.77 -16.73 -23.98
C ARG A 304 10.75 -17.75 -22.85
N LEU A 305 9.59 -17.93 -22.23
CA LEU A 305 9.46 -18.89 -21.13
C LEU A 305 9.26 -20.31 -21.64
N GLY A 306 9.05 -20.45 -22.95
CA GLY A 306 8.86 -21.76 -23.53
C GLY A 306 7.50 -22.36 -23.21
N LEU A 307 6.48 -21.50 -23.16
CA LEU A 307 5.12 -21.93 -22.85
C LEU A 307 4.28 -22.13 -24.10
N MET B 1 -33.95 3.34 25.98
CA MET B 1 -33.38 3.39 24.59
C MET B 1 -32.80 2.03 24.23
N ASN B 2 -32.72 1.75 22.93
CA ASN B 2 -32.18 0.46 22.49
C ASN B 2 -31.26 0.51 21.26
N VAL B 3 -31.00 1.71 20.74
CA VAL B 3 -30.10 1.82 19.59
C VAL B 3 -29.34 3.14 19.60
N VAL B 4 -28.42 3.27 18.66
CA VAL B 4 -27.66 4.50 18.49
C VAL B 4 -27.63 4.74 16.98
N ILE B 5 -28.12 5.89 16.56
CA ILE B 5 -28.10 6.23 15.13
C ILE B 5 -26.77 6.90 14.84
N VAL B 6 -26.05 6.42 13.82
CA VAL B 6 -24.76 6.99 13.45
C VAL B 6 -24.90 7.61 12.05
N ARG B 7 -24.67 8.92 11.98
CA ARG B 7 -24.79 9.64 10.72
C ARG B 7 -23.43 10.05 10.20
N TYR B 8 -23.23 9.92 8.89
CA TYR B 8 -21.95 10.25 8.27
C TYR B 8 -22.15 10.93 6.91
N LYS B 14 -14.30 14.70 0.99
CA LYS B 14 -14.63 13.57 0.12
C LYS B 14 -13.69 12.39 0.33
N SER B 15 -14.20 11.19 0.08
CA SER B 15 -13.44 9.97 0.24
C SER B 15 -13.08 9.33 -1.09
N ARG B 16 -11.93 8.66 -1.13
CA ARG B 16 -11.48 7.99 -2.35
C ARG B 16 -12.12 6.60 -2.37
N GLN B 17 -12.81 6.26 -1.28
CA GLN B 17 -13.47 4.98 -1.13
C GLN B 17 -14.89 5.04 -1.67
N THR B 18 -15.40 3.91 -2.17
CA THR B 18 -16.78 3.90 -2.67
C THR B 18 -17.64 4.01 -1.42
N ARG B 19 -18.92 4.27 -1.61
CA ARG B 19 -19.85 4.41 -0.49
C ARG B 19 -19.92 3.12 0.33
N SER B 20 -20.05 1.98 -0.34
CA SER B 20 -20.14 0.71 0.35
C SER B 20 -18.90 0.38 1.19
N TRP B 21 -17.70 0.64 0.65
CA TRP B 21 -16.51 0.35 1.43
C TRP B 21 -16.35 1.33 2.59
N PHE B 22 -16.75 2.58 2.38
CA PHE B 22 -16.68 3.59 3.43
C PHE B 22 -17.51 3.09 4.61
N GLU B 23 -18.72 2.59 4.33
CA GLU B 23 -19.60 2.09 5.37
C GLU B 23 -19.07 0.82 6.04
N LYS B 24 -18.55 -0.11 5.24
CA LYS B 24 -18.01 -1.35 5.81
C LYS B 24 -16.82 -1.06 6.75
N ILE B 25 -15.93 -0.17 6.32
CA ILE B 25 -14.77 0.17 7.13
C ILE B 25 -15.20 0.91 8.39
N LEU B 26 -16.16 1.82 8.25
CA LEU B 26 -16.65 2.56 9.40
C LEU B 26 -17.33 1.62 10.41
N MET B 27 -18.10 0.66 9.92
CA MET B 27 -18.76 -0.30 10.82
C MET B 27 -17.70 -1.15 11.53
N ASN B 28 -16.63 -1.47 10.82
CA ASN B 28 -15.54 -2.26 11.40
C ASN B 28 -14.92 -1.47 12.56
N ASN B 29 -14.69 -0.18 12.34
CA ASN B 29 -14.09 0.68 13.35
C ASN B 29 -15.02 0.88 14.54
N ILE B 30 -16.32 0.99 14.27
CA ILE B 30 -17.29 1.14 15.34
C ILE B 30 -17.27 -0.13 16.19
N ARG B 31 -17.23 -1.28 15.52
CA ARG B 31 -17.19 -2.56 16.22
C ARG B 31 -15.95 -2.67 17.11
N GLU B 32 -14.80 -2.29 16.58
CA GLU B 32 -13.56 -2.36 17.34
C GLU B 32 -13.55 -1.39 18.51
N ALA B 33 -14.14 -0.21 18.33
CA ALA B 33 -14.20 0.79 19.39
C ALA B 33 -15.04 0.28 20.56
N LEU B 34 -16.22 -0.27 20.24
CA LEU B 34 -17.11 -0.79 21.29
C LEU B 34 -16.50 -1.97 22.02
N VAL B 35 -15.85 -2.88 21.28
CA VAL B 35 -15.23 -4.04 21.91
C VAL B 35 -14.07 -3.61 22.80
N THR B 36 -13.25 -2.69 22.30
CA THR B 36 -12.10 -2.18 23.04
C THR B 36 -12.50 -1.45 24.32
N GLU B 37 -13.58 -0.68 24.25
CA GLU B 37 -14.04 0.09 25.39
C GLU B 37 -15.07 -0.62 26.25
N GLU B 38 -15.24 -1.92 26.00
CA GLU B 38 -16.18 -2.74 26.77
C GLU B 38 -17.64 -2.27 26.73
N VAL B 39 -18.12 -1.88 25.56
CA VAL B 39 -19.52 -1.46 25.44
C VAL B 39 -20.22 -2.58 24.68
N PRO B 40 -21.30 -3.13 25.26
CA PRO B 40 -22.03 -4.21 24.60
C PRO B 40 -22.95 -3.72 23.47
N TYR B 41 -23.20 -4.60 22.52
CA TYR B 41 -24.09 -4.28 21.40
C TYR B 41 -24.57 -5.59 20.80
N LYS B 42 -25.71 -5.57 20.13
CA LYS B 42 -26.28 -6.78 19.53
C LYS B 42 -26.01 -6.85 18.03
N GLU B 43 -26.19 -5.72 17.35
CA GLU B 43 -26.00 -5.66 15.90
C GLU B 43 -25.47 -4.31 15.47
N ILE B 44 -24.89 -4.29 14.27
CA ILE B 44 -24.39 -3.07 13.66
C ILE B 44 -24.69 -3.25 12.18
N PHE B 45 -25.46 -2.33 11.61
CA PHE B 45 -25.76 -2.42 10.19
C PHE B 45 -25.96 -1.05 9.57
N SER B 46 -25.77 -0.98 8.26
CA SER B 46 -25.90 0.26 7.53
C SER B 46 -27.09 0.16 6.58
N ARG B 47 -28.03 1.07 6.74
CA ARG B 47 -29.21 1.08 5.88
C ARG B 47 -29.67 2.48 5.55
N HIS B 48 -29.95 2.70 4.26
CA HIS B 48 -30.41 3.98 3.77
C HIS B 48 -29.58 5.19 4.20
N GLY B 49 -28.26 5.07 4.08
CA GLY B 49 -27.40 6.18 4.43
C GLY B 49 -26.98 6.36 5.87
N ARG B 50 -27.49 5.53 6.78
CA ARG B 50 -27.08 5.64 8.17
C ARG B 50 -26.72 4.28 8.75
N ILE B 51 -26.04 4.31 9.88
CA ILE B 51 -25.65 3.09 10.56
C ILE B 51 -26.44 3.01 11.86
N ILE B 52 -26.92 1.82 12.17
CA ILE B 52 -27.68 1.61 13.38
C ILE B 52 -26.93 0.62 14.25
N VAL B 53 -26.69 1.00 15.50
CA VAL B 53 -26.04 0.11 16.44
C VAL B 53 -27.10 -0.26 17.47
N LYS B 54 -27.52 -1.52 17.49
CA LYS B 54 -28.51 -1.96 18.46
C LYS B 54 -27.74 -2.29 19.73
N THR B 55 -28.11 -1.65 20.84
CA THR B 55 -27.40 -1.85 22.10
C THR B 55 -28.21 -1.35 23.29
N ASN B 56 -28.06 -2.02 24.42
CA ASN B 56 -28.77 -1.62 25.62
C ASN B 56 -27.94 -0.65 26.48
N SER B 57 -26.84 -0.18 25.90
CA SER B 57 -25.95 0.79 26.55
C SER B 57 -25.71 1.89 25.53
N PRO B 58 -26.79 2.49 24.99
CA PRO B 58 -26.67 3.56 23.99
C PRO B 58 -25.88 4.80 24.42
N LYS B 59 -26.07 5.24 25.65
CA LYS B 59 -25.35 6.43 26.12
C LYS B 59 -23.85 6.16 26.16
N GLU B 60 -23.46 5.00 26.69
CA GLU B 60 -22.06 4.61 26.75
C GLU B 60 -21.50 4.44 25.34
N ALA B 61 -22.30 3.85 24.46
CA ALA B 61 -21.87 3.64 23.08
C ALA B 61 -21.64 4.98 22.40
N ALA B 62 -22.57 5.91 22.61
CA ALA B 62 -22.48 7.24 22.02
C ALA B 62 -21.19 7.93 22.45
N ASN B 63 -20.91 7.91 23.75
CA ASN B 63 -19.72 8.55 24.28
C ASN B 63 -18.48 8.06 23.54
N VAL B 64 -18.41 6.75 23.31
CA VAL B 64 -17.27 6.16 22.61
C VAL B 64 -17.22 6.55 21.13
N LEU B 65 -18.36 6.42 20.44
CA LEU B 65 -18.40 6.72 19.01
C LEU B 65 -18.06 8.15 18.63
N VAL B 66 -18.07 9.07 19.59
CA VAL B 66 -17.74 10.45 19.29
C VAL B 66 -16.27 10.51 18.87
N ARG B 67 -15.48 9.51 19.27
CA ARG B 67 -14.06 9.49 18.92
C ARG B 67 -13.73 8.70 17.66
N VAL B 68 -14.76 8.21 16.98
CA VAL B 68 -14.57 7.43 15.75
C VAL B 68 -14.67 8.36 14.55
N PHE B 69 -13.56 8.54 13.84
CA PHE B 69 -13.55 9.42 12.67
C PHE B 69 -14.46 8.93 11.57
N GLY B 70 -15.06 9.88 10.85
CA GLY B 70 -15.96 9.54 9.78
C GLY B 70 -17.42 9.79 10.17
N ILE B 71 -17.64 9.98 11.45
CA ILE B 71 -18.98 10.22 11.99
C ILE B 71 -19.28 11.69 12.16
N VAL B 72 -20.40 12.13 11.60
CA VAL B 72 -20.84 13.52 11.69
C VAL B 72 -21.66 13.76 12.96
N SER B 73 -22.64 12.90 13.21
CA SER B 73 -23.45 13.03 14.42
C SER B 73 -23.90 11.68 14.96
N ILE B 74 -24.26 11.65 16.24
CA ILE B 74 -24.66 10.42 16.91
C ILE B 74 -25.93 10.65 17.74
N SER B 75 -26.89 9.74 17.63
CA SER B 75 -28.11 9.89 18.41
C SER B 75 -28.57 8.64 19.13
N PRO B 76 -28.43 8.62 20.47
CA PRO B 76 -28.88 7.47 21.25
C PRO B 76 -30.39 7.52 21.00
N ALA B 77 -31.05 6.38 20.85
CA ALA B 77 -32.48 6.42 20.57
C ALA B 77 -33.25 5.16 20.90
N MET B 78 -34.58 5.28 20.81
CA MET B 78 -35.46 4.15 21.05
C MET B 78 -36.04 3.76 19.70
N GLU B 79 -35.95 2.48 19.38
CA GLU B 79 -36.48 1.97 18.13
C GLU B 79 -37.82 1.29 18.45
N VAL B 80 -38.86 1.65 17.71
CA VAL B 80 -40.18 1.07 17.91
C VAL B 80 -40.87 0.83 16.59
N GLU B 81 -41.92 0.00 16.60
CA GLU B 81 -42.70 -0.26 15.41
C GLU B 81 -43.25 1.09 14.97
N ALA B 82 -43.23 1.35 13.67
CA ALA B 82 -43.70 2.64 13.17
C ALA B 82 -45.22 2.76 13.06
N SER B 83 -45.87 3.09 14.18
CA SER B 83 -47.31 3.29 14.23
C SER B 83 -47.47 4.59 15.01
N LEU B 84 -48.43 5.43 14.61
CA LEU B 84 -48.65 6.69 15.28
C LEU B 84 -48.79 6.52 16.79
N GLU B 85 -49.46 5.45 17.22
CA GLU B 85 -49.66 5.16 18.62
C GLU B 85 -48.34 5.00 19.39
N LYS B 86 -47.47 4.13 18.88
CA LYS B 86 -46.18 3.87 19.50
C LYS B 86 -45.24 5.05 19.40
N ILE B 87 -45.33 5.78 18.30
CA ILE B 87 -44.48 6.95 18.10
C ILE B 87 -44.85 8.02 19.13
N ASN B 88 -46.15 8.23 19.32
CA ASN B 88 -46.64 9.21 20.29
C ASN B 88 -46.19 8.83 21.70
N ARG B 89 -46.46 7.60 22.11
CA ARG B 89 -46.08 7.16 23.45
C ARG B 89 -44.57 7.22 23.71
N THR B 90 -43.77 6.80 22.74
CA THR B 90 -42.32 6.81 22.89
C THR B 90 -41.79 8.24 22.90
N ALA B 91 -42.37 9.08 22.04
CA ALA B 91 -41.96 10.48 21.97
C ALA B 91 -42.22 11.17 23.32
N LEU B 92 -43.36 10.84 23.94
CA LEU B 92 -43.71 11.44 25.23
C LEU B 92 -42.76 10.93 26.32
N LEU B 93 -42.45 9.64 26.27
CA LEU B 93 -41.53 9.04 27.24
C LEU B 93 -40.14 9.68 27.15
N MET B 94 -39.65 9.88 25.94
CA MET B 94 -38.34 10.48 25.74
C MET B 94 -38.38 11.95 26.16
N PHE B 95 -39.48 12.63 25.83
CA PHE B 95 -39.64 14.04 26.19
C PHE B 95 -39.58 14.20 27.72
N ARG B 96 -40.28 13.34 28.44
CA ARG B 96 -40.29 13.41 29.90
C ARG B 96 -38.91 13.17 30.53
N LYS B 97 -38.14 12.24 29.96
CA LYS B 97 -36.80 11.98 30.49
C LYS B 97 -35.93 13.22 30.33
N LYS B 98 -35.97 13.81 29.14
CA LYS B 98 -35.19 15.01 28.84
C LYS B 98 -35.68 16.19 29.68
N ALA B 99 -37.01 16.35 29.77
CA ALA B 99 -37.59 17.44 30.55
C ALA B 99 -37.13 17.36 32.00
N LYS B 100 -37.00 16.15 32.52
CA LYS B 100 -36.54 15.97 33.89
C LYS B 100 -35.13 16.54 34.02
N GLU B 101 -34.30 16.32 33.00
CA GLU B 101 -32.93 16.81 33.01
C GLU B 101 -32.87 18.32 32.82
N VAL B 102 -33.72 18.87 31.97
CA VAL B 102 -33.74 20.31 31.72
C VAL B 102 -34.12 21.05 33.01
N GLY B 103 -35.07 20.50 33.75
CA GLY B 103 -35.45 21.10 35.01
C GLY B 103 -36.25 22.39 34.97
N LYS B 104 -37.14 22.52 34.00
CA LYS B 104 -37.99 23.70 33.90
C LYS B 104 -39.43 23.25 34.00
N GLU B 105 -40.31 24.09 34.54
CA GLU B 105 -41.72 23.69 34.65
C GLU B 105 -42.42 23.71 33.28
N ARG B 106 -41.98 24.61 32.40
CA ARG B 106 -42.59 24.73 31.07
C ARG B 106 -41.51 24.84 29.99
N PRO B 107 -40.89 23.70 29.64
CA PRO B 107 -39.84 23.72 28.61
C PRO B 107 -40.36 24.02 27.21
N LYS B 108 -39.54 24.68 26.40
CA LYS B 108 -39.90 24.99 25.03
C LYS B 108 -39.41 23.80 24.21
N PHE B 109 -40.17 23.41 23.18
CA PHE B 109 -39.77 22.27 22.37
C PHE B 109 -40.28 22.33 20.95
N ARG B 110 -39.83 21.37 20.15
CA ARG B 110 -40.28 21.24 18.77
C ARG B 110 -40.07 19.79 18.38
N VAL B 111 -40.72 19.37 17.30
CA VAL B 111 -40.58 17.99 16.82
C VAL B 111 -40.03 18.05 15.40
N THR B 112 -39.08 17.17 15.10
CA THR B 112 -38.48 17.13 13.78
C THR B 112 -38.53 15.68 13.31
N ALA B 113 -39.31 15.43 12.27
CA ALA B 113 -39.45 14.08 11.75
C ALA B 113 -38.93 13.96 10.32
N ARG B 114 -38.41 12.78 10.00
CA ARG B 114 -37.89 12.54 8.67
C ARG B 114 -38.23 11.11 8.25
N ARG B 115 -38.84 10.98 7.08
CA ARG B 115 -39.17 9.67 6.58
C ARG B 115 -38.05 9.25 5.64
N ILE B 116 -37.11 8.46 6.16
CA ILE B 116 -35.99 7.99 5.34
C ILE B 116 -36.59 7.21 4.18
N THR B 117 -37.47 6.26 4.49
CA THR B 117 -38.18 5.50 3.47
C THR B 117 -39.61 6.04 3.58
N LYS B 118 -40.38 5.98 2.51
CA LYS B 118 -41.72 6.56 2.52
C LYS B 118 -42.94 5.67 2.69
N GLU B 119 -42.82 4.54 3.40
CA GLU B 119 -43.99 3.69 3.54
C GLU B 119 -45.00 4.18 4.58
N PHE B 120 -44.53 4.97 5.55
CA PHE B 120 -45.43 5.49 6.59
C PHE B 120 -46.45 6.44 5.94
N PRO B 121 -47.76 6.20 6.18
CA PRO B 121 -48.88 6.97 5.65
C PRO B 121 -48.94 8.48 5.92
N LEU B 122 -48.25 8.96 6.95
CA LEU B 122 -48.29 10.39 7.25
C LEU B 122 -46.95 11.04 6.92
N ASP B 123 -46.97 12.27 6.41
CA ASP B 123 -45.72 12.94 6.07
C ASP B 123 -45.10 13.57 7.32
N SER B 124 -43.89 14.10 7.18
CA SER B 124 -43.18 14.71 8.30
C SER B 124 -43.95 15.80 9.02
N LEU B 125 -44.61 16.68 8.26
CA LEU B 125 -45.38 17.77 8.87
C LEU B 125 -46.48 17.22 9.78
N GLU B 126 -47.23 16.24 9.26
CA GLU B 126 -48.32 15.64 10.02
C GLU B 126 -47.81 14.90 11.25
N ILE B 127 -46.68 14.22 11.10
CA ILE B 127 -46.11 13.49 12.23
C ILE B 127 -45.73 14.48 13.32
N GLN B 128 -45.05 15.55 12.92
CA GLN B 128 -44.62 16.58 13.87
C GLN B 128 -45.79 17.24 14.59
N ALA B 129 -46.87 17.50 13.85
CA ALA B 129 -48.05 18.14 14.43
C ALA B 129 -48.77 17.24 15.43
N LYS B 130 -48.97 15.99 15.05
CA LYS B 130 -49.65 15.02 15.91
C LYS B 130 -48.85 14.70 17.16
N VAL B 131 -47.53 14.59 17.01
CA VAL B 131 -46.68 14.29 18.15
C VAL B 131 -46.65 15.51 19.07
N GLY B 132 -46.58 16.70 18.48
CA GLY B 132 -46.58 17.91 19.26
C GLY B 132 -47.86 18.06 20.06
N GLU B 133 -48.99 17.77 19.42
CA GLU B 133 -50.29 17.86 20.07
C GLU B 133 -50.38 16.86 21.23
N TYR B 134 -49.86 15.66 21.00
CA TYR B 134 -49.88 14.61 22.01
C TYR B 134 -49.08 15.03 23.25
N ILE B 135 -47.90 15.58 23.03
CA ILE B 135 -47.06 16.04 24.14
C ILE B 135 -47.72 17.22 24.85
N LEU B 136 -48.26 18.16 24.07
CA LEU B 136 -48.95 19.32 24.64
C LEU B 136 -50.13 18.93 25.52
N ASN B 137 -50.75 17.79 25.25
CA ASN B 137 -51.90 17.32 26.03
C ASN B 137 -51.50 16.60 27.32
N ASN B 138 -50.22 16.29 27.48
CA ASN B 138 -49.74 15.57 28.65
C ASN B 138 -48.67 16.25 29.49
N GLU B 139 -48.16 17.39 29.03
CA GLU B 139 -47.13 18.11 29.77
C GLU B 139 -47.28 19.61 29.65
N ASN B 140 -46.83 20.33 30.66
CA ASN B 140 -46.85 21.78 30.62
C ASN B 140 -45.60 22.11 29.81
N CYS B 141 -45.81 22.68 28.63
CA CYS B 141 -44.71 23.03 27.74
C CYS B 141 -45.26 23.92 26.63
N GLU B 142 -44.41 24.30 25.71
CA GLU B 142 -44.83 25.12 24.58
C GLU B 142 -43.92 24.96 23.39
N VAL B 143 -44.52 25.01 22.20
CA VAL B 143 -43.78 24.89 20.96
C VAL B 143 -43.01 26.17 20.65
N ASP B 144 -41.75 26.03 20.30
CA ASP B 144 -40.91 27.16 19.91
C ASP B 144 -39.95 26.62 18.87
N LEU B 145 -40.10 27.07 17.63
CA LEU B 145 -39.27 26.61 16.54
C LEU B 145 -37.87 27.23 16.49
N LYS B 146 -37.69 28.36 17.15
CA LYS B 146 -36.40 29.06 17.15
C LYS B 146 -35.50 28.65 18.30
N ASN B 147 -35.99 28.82 19.51
CA ASN B 147 -35.21 28.46 20.71
C ASN B 147 -36.00 27.45 21.52
N TYR B 148 -35.43 26.27 21.68
CA TYR B 148 -36.09 25.21 22.41
C TYR B 148 -35.14 24.44 23.33
N ASP B 149 -35.68 23.99 24.46
CA ASP B 149 -34.91 23.23 25.43
C ASP B 149 -34.89 21.77 25.02
N ILE B 150 -35.90 21.37 24.27
CA ILE B 150 -36.04 19.98 23.85
C ILE B 150 -36.42 19.82 22.39
N GLU B 151 -35.76 18.90 21.71
CA GLU B 151 -36.09 18.64 20.31
C GLU B 151 -36.33 17.15 20.19
N ILE B 152 -37.55 16.79 19.83
CA ILE B 152 -37.90 15.39 19.65
C ILE B 152 -37.63 15.07 18.19
N GLY B 153 -36.57 14.29 17.97
CA GLY B 153 -36.22 13.90 16.61
C GLY B 153 -36.83 12.55 16.29
N ILE B 154 -37.31 12.40 15.06
CA ILE B 154 -37.92 11.14 14.68
C ILE B 154 -37.49 10.75 13.27
N GLU B 155 -36.96 9.54 13.12
CA GLU B 155 -36.54 9.05 11.82
C GLU B 155 -37.28 7.74 11.58
N ILE B 156 -37.97 7.65 10.46
CA ILE B 156 -38.72 6.45 10.12
C ILE B 156 -38.05 5.77 8.93
N MET B 157 -37.74 4.49 9.10
CA MET B 157 -37.06 3.73 8.07
C MET B 157 -37.49 2.26 8.10
N GLN B 158 -37.98 1.78 6.97
CA GLN B 158 -38.40 0.38 6.83
C GLN B 158 -39.30 -0.10 7.96
N GLY B 159 -40.39 0.62 8.20
CA GLY B 159 -41.34 0.23 9.22
C GLY B 159 -40.90 0.40 10.67
N LYS B 160 -39.80 1.11 10.88
CA LYS B 160 -39.32 1.35 12.24
C LYS B 160 -39.19 2.85 12.47
N ALA B 161 -39.46 3.26 13.70
CA ALA B 161 -39.35 4.67 14.07
C ALA B 161 -38.23 4.77 15.11
N TYR B 162 -37.31 5.71 14.90
CA TYR B 162 -36.19 5.93 15.81
C TYR B 162 -36.41 7.29 16.44
N ILE B 163 -36.63 7.28 17.76
CA ILE B 163 -36.92 8.51 18.49
C ILE B 163 -35.81 8.89 19.47
N TYR B 164 -35.34 10.14 19.34
CA TYR B 164 -34.25 10.65 20.17
C TYR B 164 -34.43 12.10 20.57
N THR B 165 -33.62 12.55 21.52
CA THR B 165 -33.66 13.94 21.98
C THR B 165 -32.24 14.52 21.91
N GLU B 166 -31.27 13.69 21.55
CA GLU B 166 -29.89 14.15 21.47
C GLU B 166 -29.26 13.93 20.09
N LYS B 167 -28.43 14.89 19.70
CA LYS B 167 -27.73 14.85 18.43
C LYS B 167 -26.30 15.26 18.75
N ILE B 168 -25.50 14.30 19.20
CA ILE B 168 -24.11 14.53 19.58
C ILE B 168 -23.20 14.67 18.38
N LYS B 169 -22.43 15.76 18.35
CA LYS B 169 -21.51 16.03 17.26
C LYS B 169 -20.26 15.13 17.29
N GLY B 170 -19.99 14.48 16.16
CA GLY B 170 -18.82 13.63 16.07
C GLY B 170 -17.64 14.46 15.58
N TRP B 171 -16.50 13.83 15.39
CA TRP B 171 -15.30 14.55 14.93
C TRP B 171 -15.23 14.73 13.42
N GLY B 172 -16.15 14.09 12.70
CA GLY B 172 -16.10 14.21 11.25
C GLY B 172 -14.87 13.49 10.74
N GLY B 173 -14.31 14.00 9.65
CA GLY B 173 -13.12 13.37 9.08
C GLY B 173 -13.52 12.14 8.27
N LEU B 174 -12.55 11.25 8.04
CA LEU B 174 -12.79 10.04 7.27
C LEU B 174 -12.47 8.81 8.14
N PRO B 175 -13.15 7.68 7.88
CA PRO B 175 -12.91 6.47 8.67
C PRO B 175 -11.47 5.98 8.57
N ILE B 176 -10.90 5.59 9.70
CA ILE B 176 -9.53 5.10 9.70
C ILE B 176 -9.39 3.87 8.81
N GLY B 177 -8.40 3.91 7.93
CA GLY B 177 -8.20 2.79 7.03
C GLY B 177 -8.74 3.04 5.63
N THR B 178 -9.48 4.12 5.42
CA THR B 178 -10.03 4.38 4.09
C THR B 178 -9.02 5.08 3.19
N GLU B 179 -7.99 5.66 3.78
CA GLU B 179 -6.97 6.36 3.02
C GLU B 179 -5.57 5.75 3.15
N GLY B 180 -5.52 4.45 3.39
CA GLY B 180 -4.23 3.77 3.49
C GLY B 180 -3.58 3.65 4.86
N ARG B 181 -2.33 3.22 4.85
CA ARG B 181 -1.56 3.01 6.07
C ARG B 181 -0.20 3.72 6.04
N MET B 182 0.13 4.41 7.13
CA MET B 182 1.40 5.12 7.25
C MET B 182 1.99 4.89 8.63
N ILE B 183 3.27 5.21 8.80
CA ILE B 183 3.85 5.10 10.12
C ILE B 183 3.94 6.54 10.62
N GLY B 184 3.90 6.71 11.93
CA GLY B 184 3.99 8.04 12.49
C GLY B 184 5.14 8.05 13.46
N ILE B 185 6.13 8.91 13.23
CA ILE B 185 7.28 8.99 14.11
C ILE B 185 6.83 9.78 15.34
N LEU B 186 6.66 9.07 16.46
CA LEU B 186 6.19 9.66 17.70
C LEU B 186 7.29 9.90 18.73
N HIS B 187 7.40 11.13 19.22
CA HIS B 187 8.41 11.46 20.22
C HIS B 187 8.01 12.60 21.15
N ASP B 188 6.99 13.37 20.77
CA ASP B 188 6.52 14.47 21.62
C ASP B 188 5.07 14.84 21.35
N GLU B 189 4.57 15.83 22.08
CA GLU B 189 3.19 16.28 21.93
C GLU B 189 2.88 16.72 20.50
N LEU B 190 3.81 17.42 19.87
CA LEU B 190 3.64 17.90 18.51
C LEU B 190 3.48 16.77 17.49
N SER B 191 4.38 15.79 17.53
CA SER B 191 4.31 14.66 16.62
C SER B 191 3.03 13.89 16.88
N ALA B 192 2.59 13.90 18.13
CA ALA B 192 1.36 13.19 18.50
C ALA B 192 0.18 13.88 17.82
N LEU B 193 0.17 15.21 17.84
CA LEU B 193 -0.91 15.96 17.20
C LEU B 193 -0.91 15.69 15.70
N ALA B 194 0.28 15.60 15.13
CA ALA B 194 0.42 15.35 13.69
C ALA B 194 -0.22 14.01 13.33
N ILE B 195 -0.03 13.03 14.20
CA ILE B 195 -0.59 11.71 13.97
C ILE B 195 -2.12 11.76 14.08
N PHE B 196 -2.63 12.54 15.03
CA PHE B 196 -4.07 12.66 15.21
C PHE B 196 -4.70 13.25 13.96
N LEU B 197 -4.10 14.32 13.45
CA LEU B 197 -4.61 15.00 12.25
C LEU B 197 -4.65 14.09 11.03
N MET B 198 -3.72 13.14 10.94
CA MET B 198 -3.69 12.22 9.82
C MET B 198 -4.71 11.10 9.98
N MET B 199 -4.93 10.63 11.21
CA MET B 199 -5.91 9.57 11.42
C MET B 199 -7.30 10.14 11.06
N LYS B 200 -7.51 11.41 11.36
CA LYS B 200 -8.79 12.08 11.07
C LYS B 200 -8.96 12.17 9.55
N ARG B 201 -7.84 12.10 8.83
CA ARG B 201 -7.86 12.15 7.37
C ARG B 201 -8.02 10.72 6.82
N GLY B 202 -8.45 9.81 7.69
CA GLY B 202 -8.68 8.43 7.29
C GLY B 202 -7.47 7.51 7.18
N VAL B 203 -6.32 7.96 7.64
CA VAL B 203 -5.11 7.16 7.57
C VAL B 203 -4.89 6.29 8.81
N GLU B 204 -4.63 5.02 8.58
CA GLU B 204 -4.34 4.07 9.65
C GLU B 204 -2.85 4.29 9.97
N VAL B 205 -2.55 4.65 11.20
CA VAL B 205 -1.18 4.93 11.59
C VAL B 205 -0.54 3.94 12.55
N ILE B 206 0.67 3.52 12.20
CA ILE B 206 1.46 2.64 13.04
C ILE B 206 2.46 3.57 13.71
N PRO B 207 2.32 3.81 15.02
CA PRO B 207 3.24 4.69 15.74
C PRO B 207 4.59 4.03 15.96
N VAL B 208 5.66 4.80 15.80
CA VAL B 208 7.01 4.27 15.96
C VAL B 208 7.88 5.17 16.81
N TYR B 209 8.59 4.55 17.75
CA TYR B 209 9.52 5.26 18.63
C TYR B 209 10.90 4.82 18.15
N ILE B 210 11.73 5.78 17.73
CA ILE B 210 13.05 5.42 17.23
C ILE B 210 14.15 5.57 18.27
N GLY B 211 15.08 4.62 18.27
CA GLY B 211 16.21 4.70 19.18
C GLY B 211 16.34 3.66 20.27
N LYS B 212 17.61 3.37 20.59
CA LYS B 212 17.98 2.42 21.64
C LYS B 212 17.73 3.11 22.98
N ASP B 213 18.21 4.34 23.09
CA ASP B 213 18.03 5.13 24.31
C ASP B 213 16.54 5.12 24.66
N ASP B 214 16.22 4.64 25.86
CA ASP B 214 14.82 4.56 26.28
C ASP B 214 14.45 5.44 27.47
N LYS B 215 15.01 6.65 27.53
CA LYS B 215 14.68 7.56 28.62
C LYS B 215 13.29 8.16 28.36
N ASN B 216 13.06 8.53 27.11
CA ASN B 216 11.82 9.16 26.69
C ASN B 216 10.72 8.16 26.30
N LEU B 217 11.00 6.87 26.40
CA LEU B 217 10.01 5.85 26.03
C LEU B 217 8.76 5.85 26.89
N GLU B 218 8.92 5.91 28.21
CA GLU B 218 7.76 5.91 29.08
C GLU B 218 6.84 7.10 28.73
N LYS B 219 7.43 8.26 28.51
CA LYS B 219 6.67 9.46 28.17
C LYS B 219 5.93 9.25 26.85
N VAL B 220 6.62 8.62 25.89
CA VAL B 220 6.03 8.35 24.59
C VAL B 220 4.85 7.37 24.71
N ARG B 221 5.00 6.33 25.53
CA ARG B 221 3.92 5.37 25.70
C ARG B 221 2.69 6.09 26.27
N SER B 222 2.93 7.08 27.11
CA SER B 222 1.85 7.86 27.70
C SER B 222 1.12 8.65 26.61
N LEU B 223 1.88 9.22 25.68
CA LEU B 223 1.30 9.98 24.58
C LEU B 223 0.47 9.05 23.70
N TRP B 224 1.01 7.87 23.42
CA TRP B 224 0.27 6.93 22.58
C TRP B 224 -1.00 6.45 23.26
N ASN B 225 -0.96 6.31 24.59
CA ASN B 225 -2.14 5.85 25.31
C ASN B 225 -3.31 6.83 25.12
N LEU B 226 -2.98 8.11 24.94
CA LEU B 226 -4.00 9.13 24.70
C LEU B 226 -4.49 9.02 23.25
N LEU B 227 -3.54 8.93 22.32
CA LEU B 227 -3.85 8.83 20.89
C LEU B 227 -4.66 7.58 20.58
N LYS B 228 -4.37 6.50 21.30
CA LYS B 228 -5.03 5.22 21.12
C LYS B 228 -6.56 5.34 21.13
N ARG B 229 -7.07 6.23 21.97
CA ARG B 229 -8.51 6.45 22.11
C ARG B 229 -9.17 7.05 20.86
N TYR B 230 -8.38 7.32 19.83
CA TYR B 230 -8.87 7.86 18.58
C TYR B 230 -8.36 7.02 17.42
N SER B 231 -7.89 5.82 17.71
CA SER B 231 -7.31 4.97 16.67
C SER B 231 -8.07 3.68 16.34
N TYR B 232 -9.32 3.55 16.80
CA TYR B 232 -10.09 2.33 16.54
C TYR B 232 -10.08 1.93 15.07
N GLY B 233 -9.71 0.68 14.82
CA GLY B 233 -9.63 0.18 13.46
C GLY B 233 -8.20 -0.25 13.14
N SER B 234 -7.24 0.33 13.84
CA SER B 234 -5.83 -0.02 13.63
C SER B 234 -5.38 -0.93 14.76
N LYS B 235 -4.23 -1.57 14.59
CA LYS B 235 -3.71 -2.46 15.62
C LYS B 235 -3.40 -1.65 16.88
N GLY B 236 -2.94 -0.41 16.68
CA GLY B 236 -2.64 0.47 17.79
C GLY B 236 -1.52 0.02 18.72
N PHE B 237 -0.49 -0.59 18.15
CA PHE B 237 0.65 -1.07 18.92
C PHE B 237 1.88 -0.19 18.64
N LEU B 238 2.51 0.31 19.69
CA LEU B 238 3.69 1.15 19.54
C LEU B 238 4.89 0.31 19.18
N VAL B 239 5.53 0.63 18.07
CA VAL B 239 6.72 -0.09 17.62
C VAL B 239 7.98 0.64 18.06
N VAL B 240 8.86 -0.05 18.75
CA VAL B 240 10.11 0.56 19.19
C VAL B 240 11.19 0.08 18.23
N ALA B 241 11.75 1.00 17.45
CA ALA B 241 12.79 0.66 16.50
C ALA B 241 14.16 1.10 17.04
N GLU B 242 15.01 0.13 17.32
CA GLU B 242 16.34 0.40 17.87
C GLU B 242 17.28 1.08 16.88
N SER B 243 17.03 0.88 15.59
CA SER B 243 17.86 1.48 14.53
C SER B 243 16.99 1.68 13.30
N PHE B 244 17.49 2.47 12.35
CA PHE B 244 16.74 2.77 11.13
C PHE B 244 16.42 1.58 10.23
N ASP B 245 17.29 0.57 10.22
CA ASP B 245 17.03 -0.60 9.40
C ASP B 245 15.70 -1.24 9.81
N ARG B 246 15.37 -1.13 11.09
CA ARG B 246 14.12 -1.69 11.62
C ARG B 246 12.91 -0.91 11.11
N VAL B 247 13.09 0.40 10.94
CA VAL B 247 12.02 1.25 10.43
C VAL B 247 11.73 0.90 8.96
N LEU B 248 12.79 0.75 8.17
CA LEU B 248 12.61 0.40 6.75
C LEU B 248 11.94 -0.98 6.62
N LYS B 249 12.34 -1.90 7.50
CA LYS B 249 11.76 -3.25 7.48
C LYS B 249 10.28 -3.17 7.81
N LEU B 250 9.92 -2.31 8.76
CA LEU B 250 8.52 -2.13 9.15
C LEU B 250 7.73 -1.62 7.95
N ILE B 251 8.28 -0.63 7.26
CA ILE B 251 7.62 -0.05 6.09
C ILE B 251 7.37 -1.12 5.02
N ARG B 252 8.37 -1.96 4.77
CA ARG B 252 8.24 -3.03 3.79
C ARG B 252 7.26 -4.13 4.23
N ASP B 253 7.45 -4.63 5.45
CA ASP B 253 6.61 -5.71 5.96
C ASP B 253 5.12 -5.40 6.07
N PHE B 254 4.77 -4.15 6.35
CA PHE B 254 3.37 -3.81 6.49
C PHE B 254 2.76 -2.98 5.37
N GLY B 255 3.47 -2.88 4.25
CA GLY B 255 2.95 -2.13 3.10
C GLY B 255 2.61 -0.68 3.39
N VAL B 256 3.46 -0.01 4.15
CA VAL B 256 3.29 1.39 4.51
C VAL B 256 3.48 2.26 3.28
N LYS B 257 2.64 3.28 3.10
CA LYS B 257 2.76 4.14 1.93
C LYS B 257 3.19 5.57 2.25
N GLY B 258 3.43 5.85 3.53
CA GLY B 258 3.85 7.18 3.92
C GLY B 258 4.41 7.22 5.32
N VAL B 259 5.07 8.32 5.64
CA VAL B 259 5.64 8.54 6.97
C VAL B 259 5.19 9.91 7.46
N ILE B 260 4.72 9.98 8.70
CA ILE B 260 4.25 11.24 9.28
C ILE B 260 5.24 11.73 10.33
N LYS B 261 5.59 13.01 10.26
CA LYS B 261 6.50 13.60 11.24
C LYS B 261 5.89 14.88 11.81
N GLY B 262 6.31 15.26 13.01
CA GLY B 262 5.77 16.45 13.66
C GLY B 262 6.49 17.75 13.42
N LEU B 263 7.20 17.85 12.31
CA LEU B 263 7.94 19.06 11.98
C LEU B 263 6.98 20.25 11.86
N ARG B 264 7.35 21.38 12.46
CA ARG B 264 6.50 22.56 12.39
C ARG B 264 7.24 23.73 11.74
N PRO B 265 6.49 24.67 11.14
CA PRO B 265 7.10 25.84 10.49
C PRO B 265 7.77 26.79 11.48
N VAL B 272 13.25 22.70 5.53
CA VAL B 272 13.68 22.61 4.14
C VAL B 272 14.89 21.68 4.04
N SER B 273 15.84 21.84 4.97
CA SER B 273 17.03 21.01 5.00
C SER B 273 16.64 19.62 5.50
N GLU B 274 15.90 19.58 6.60
CA GLU B 274 15.46 18.31 7.16
C GLU B 274 14.51 17.66 6.17
N ILE B 275 13.72 18.47 5.48
CA ILE B 275 12.76 17.96 4.51
C ILE B 275 13.48 17.26 3.34
N THR B 276 14.60 17.84 2.91
CA THR B 276 15.38 17.27 1.81
C THR B 276 15.99 15.95 2.28
N GLU B 277 16.52 15.96 3.50
CA GLU B 277 17.13 14.77 4.07
C GLU B 277 16.06 13.70 4.30
N ASP B 278 14.87 14.11 4.76
CA ASP B 278 13.79 13.17 4.99
C ASP B 278 13.40 12.50 3.68
N PHE B 279 13.32 13.30 2.62
CA PHE B 279 12.95 12.79 1.30
C PHE B 279 13.84 11.64 0.86
N LYS B 280 15.14 11.78 1.09
CA LYS B 280 16.10 10.77 0.67
C LYS B 280 16.19 9.54 1.58
N MET B 281 16.02 9.75 2.89
CA MET B 281 16.14 8.62 3.81
C MET B 281 14.95 7.66 3.83
N PHE B 282 13.78 8.12 3.39
CA PHE B 282 12.60 7.27 3.37
C PHE B 282 12.20 6.86 1.96
N PRO B 283 11.81 5.59 1.77
CA PRO B 283 11.40 5.04 0.47
C PRO B 283 9.97 5.39 0.06
N VAL B 284 9.29 6.16 0.90
CA VAL B 284 7.92 6.59 0.64
C VAL B 284 7.82 8.05 1.05
N PRO B 285 6.77 8.76 0.59
CA PRO B 285 6.58 10.17 0.92
C PRO B 285 6.47 10.46 2.41
N VAL B 286 7.01 11.60 2.83
CA VAL B 286 6.95 12.02 4.23
C VAL B 286 5.97 13.18 4.30
N TYR B 287 5.06 13.13 5.27
CA TYR B 287 4.05 14.18 5.43
C TYR B 287 4.24 15.00 6.70
N TYR B 288 3.99 16.29 6.60
CA TYR B 288 4.13 17.20 7.74
C TYR B 288 2.83 17.99 7.91
N PRO B 289 1.84 17.39 8.60
CA PRO B 289 0.52 17.97 8.87
C PRO B 289 0.56 19.37 9.50
N LEU B 290 1.48 19.56 10.45
CA LEU B 290 1.59 20.84 11.14
C LEU B 290 2.08 21.96 10.24
N ILE B 291 2.58 21.60 9.07
CA ILE B 291 3.09 22.58 8.11
C ILE B 291 2.12 22.75 6.94
N ALA B 292 1.63 21.63 6.43
CA ALA B 292 0.73 21.63 5.28
C ALA B 292 -0.72 22.06 5.53
N LEU B 293 -1.24 21.76 6.71
CA LEU B 293 -2.62 22.12 7.02
C LEU B 293 -2.75 23.55 7.52
N PRO B 294 -3.92 24.17 7.31
CA PRO B 294 -4.21 25.55 7.74
C PRO B 294 -4.04 25.75 9.25
N GLU B 295 -3.37 26.83 9.62
CA GLU B 295 -3.14 27.14 11.03
C GLU B 295 -4.45 27.23 11.81
N GLU B 296 -5.46 27.86 11.21
CA GLU B 296 -6.76 28.01 11.88
C GLU B 296 -7.41 26.65 12.13
N TYR B 297 -7.29 25.75 11.17
CA TYR B 297 -7.86 24.42 11.32
C TYR B 297 -7.19 23.72 12.50
N ILE B 298 -5.86 23.71 12.50
CA ILE B 298 -5.10 23.08 13.57
C ILE B 298 -5.49 23.71 14.91
N LYS B 299 -5.68 25.02 14.92
CA LYS B 299 -6.08 25.73 16.12
C LYS B 299 -7.39 25.18 16.65
N SER B 300 -8.39 25.09 15.77
CA SER B 300 -9.70 24.58 16.16
C SER B 300 -9.63 23.15 16.67
N VAL B 301 -8.73 22.35 16.11
CA VAL B 301 -8.59 20.96 16.56
C VAL B 301 -8.01 20.94 17.97
N LYS B 302 -6.99 21.76 18.19
CA LYS B 302 -6.37 21.83 19.50
C LYS B 302 -7.37 22.29 20.55
N GLU B 303 -8.19 23.28 20.18
CA GLU B 303 -9.19 23.81 21.09
C GLU B 303 -10.22 22.75 21.50
N ARG B 304 -10.68 21.97 20.54
CA ARG B 304 -11.66 20.93 20.86
C ARG B 304 -11.02 19.84 21.72
N LEU B 305 -9.72 19.61 21.52
CA LEU B 305 -9.00 18.61 22.29
C LEU B 305 -8.56 19.16 23.65
N GLY B 306 -8.76 20.46 23.83
CA GLY B 306 -8.39 21.08 25.10
C GLY B 306 -6.90 21.20 25.30
N LEU B 307 -6.16 21.39 24.21
CA LEU B 307 -4.72 21.52 24.27
C LEU B 307 -4.32 22.99 24.23
C1 MRD C . 36.97 1.99 -34.25
C2 MRD C . 36.29 0.62 -34.40
O2 MRD C . 35.13 0.57 -33.57
CM MRD C . 35.88 0.42 -35.87
C3 MRD C . 37.27 -0.47 -33.96
C4 MRD C . 36.64 -1.87 -34.02
O4 MRD C . 35.51 -1.94 -33.13
C5 MRD C . 37.68 -2.94 -33.66
C1 MRD D . 3.30 -21.42 -14.36
C2 MRD D . 4.09 -20.40 -15.18
O2 MRD D . 4.35 -20.93 -16.47
CM MRD D . 3.27 -19.11 -15.30
C3 MRD D . 5.43 -20.12 -14.48
C4 MRD D . 6.34 -19.24 -15.33
O4 MRD D . 6.66 -19.92 -16.55
C5 MRD D . 7.61 -18.87 -14.57
C1 MRD E . -45.59 21.24 12.83
C2 MRD E . -44.62 21.63 13.94
O2 MRD E . -43.29 21.22 13.59
CM MRD E . -44.66 23.16 14.13
C3 MRD E . -45.01 20.92 15.24
C4 MRD E . -44.03 21.22 16.38
O4 MRD E . -42.71 20.81 16.01
C5 MRD E . -44.47 20.48 17.65
C1 MRD F . -3.90 14.41 20.06
C2 MRD F . -4.27 13.91 21.46
O2 MRD F . -4.73 15.00 22.25
CM MRD F . -5.39 12.86 21.35
C3 MRD F . -3.06 13.28 22.15
C4 MRD F . -1.89 14.26 22.29
O4 MRD F . -0.77 13.55 22.84
C5 MRD F . -2.25 15.44 23.20
#